data_2RKY
#
_entry.id   2RKY
#
_cell.length_a   88.596
_cell.length_b   36.244
_cell.length_c   73.551
_cell.angle_alpha   90.000
_cell.angle_beta   90.000
_cell.angle_gamma   90.000
#
_symmetry.space_group_name_H-M   'P 21 21 2'
#
loop_
_entity.id
_entity.type
_entity.pdbx_description
1 polymer Fibronectin
2 polymer 'Fibronectin-binding protein'
3 non-polymer 'THIOCYANATE ION'
4 non-polymer 'POTASSIUM ION'
5 water water
#
loop_
_entity_poly.entity_id
_entity_poly.type
_entity_poly.pdbx_seq_one_letter_code
_entity_poly.pdbx_strand_id
1 'polypeptide(L)'
;AEKCFDHAAGTSYVVGETWEKPYQGWMMVDCTCLGEGSGRITCTSRNRCNDQDTRTSYRIGDTWSKKDNRGNLLQCICTG
NGRGEWKCERHTS
;
A,C
2 'polypeptide(L)' NEKNGPIIQNNKFEYKEDTIKET B,D
#
# COMPACT_ATOMS: atom_id res chain seq x y z
N ALA A 1 28.80 5.31 21.48
CA ALA A 1 29.13 6.09 22.72
C ALA A 1 27.85 6.57 23.39
N GLU A 2 27.18 7.55 22.80
CA GLU A 2 25.84 7.91 23.31
C GLU A 2 24.89 6.72 23.08
N LYS A 3 23.82 6.68 23.86
CA LYS A 3 22.83 5.60 23.80
C LYS A 3 21.44 6.14 23.50
N CYS A 4 20.62 5.25 22.97
CA CYS A 4 19.19 5.41 22.84
C CYS A 4 18.58 4.35 23.73
N PHE A 5 17.38 4.63 24.21
CA PHE A 5 16.70 3.77 25.19
C PHE A 5 15.34 3.32 24.69
N ASP A 6 15.02 2.07 25.01
CA ASP A 6 13.66 1.64 24.85
C ASP A 6 13.14 1.35 26.25
N HIS A 7 12.42 2.31 26.80
CA HIS A 7 11.95 2.21 28.18
C HIS A 7 10.88 1.11 28.36
N ALA A 8 10.18 0.78 27.28
CA ALA A 8 9.15 -0.28 27.29
C ALA A 8 9.74 -1.69 27.29
N ALA A 9 10.95 -1.81 26.77
CA ALA A 9 11.62 -3.10 26.67
C ALA A 9 12.73 -3.23 27.70
N GLY A 10 13.07 -2.13 28.38
CA GLY A 10 14.18 -2.09 29.32
C GLY A 10 15.50 -2.35 28.61
N THR A 11 15.63 -1.87 27.38
CA THR A 11 16.88 -2.07 26.62
C THR A 11 17.56 -0.76 26.26
N SER A 12 18.82 -0.82 25.85
CA SER A 12 19.49 0.37 25.35
C SER A 12 20.37 -0.02 24.18
N TYR A 13 20.72 0.99 23.36
CA TYR A 13 21.47 0.77 22.11
C TYR A 13 22.46 1.88 21.95
N VAL A 14 23.59 1.62 21.31
CA VAL A 14 24.51 2.71 21.04
C VAL A 14 24.24 3.31 19.68
N VAL A 15 24.76 4.51 19.49
CA VAL A 15 24.65 5.19 18.19
C VAL A 15 25.06 4.26 17.04
N GLY A 16 24.22 4.21 16.00
CA GLY A 16 24.45 3.38 14.77
C GLY A 16 23.90 1.98 14.84
N GLU A 17 23.57 1.51 16.04
CA GLU A 17 22.96 0.19 16.23
C GLU A 17 21.51 0.17 15.73
N THR A 18 21.07 -0.96 15.15
CA THR A 18 19.71 -1.08 14.62
C THR A 18 19.03 -2.24 15.36
N TRP A 19 17.73 -2.12 15.59
CA TRP A 19 16.99 -3.20 16.28
C TRP A 19 15.56 -3.20 15.80
N GLU A 20 14.81 -4.29 16.03
CA GLU A 20 13.40 -4.27 15.64
C GLU A 20 12.54 -3.97 16.85
N LYS A 21 11.42 -3.28 16.63
CA LYS A 21 10.49 -3.08 17.74
C LYS A 21 9.05 -2.96 17.24
N PRO A 22 8.08 -3.26 18.12
CA PRO A 22 6.69 -3.07 17.73
C PRO A 22 6.31 -1.60 17.67
N TYR A 23 5.29 -1.33 16.87
CA TYR A 23 4.80 0.00 16.60
C TYR A 23 3.30 -0.06 16.47
N GLN A 24 2.61 0.76 17.25
CA GLN A 24 1.12 0.85 17.23
C GLN A 24 0.50 -0.52 17.46
N GLY A 25 1.15 -1.28 18.33
CA GLY A 25 0.55 -2.52 18.78
C GLY A 25 1.01 -3.67 17.95
N TRP A 26 0.64 -3.67 16.67
CA TRP A 26 0.88 -4.90 15.89
C TRP A 26 1.92 -4.73 14.78
N MET A 27 2.28 -3.50 14.43
CA MET A 27 3.29 -3.30 13.38
C MET A 27 4.69 -3.59 13.89
N MET A 28 5.64 -3.84 12.99
CA MET A 28 7.04 -3.91 13.33
C MET A 28 7.82 -2.90 12.51
N VAL A 29 8.81 -2.26 13.14
CA VAL A 29 9.72 -1.36 12.43
C VAL A 29 11.14 -1.69 12.79
N ASP A 30 12.10 -1.19 12.00
CA ASP A 30 13.52 -1.30 12.27
C ASP A 30 14.00 0.09 12.67
N CYS A 31 14.58 0.19 13.86
CA CYS A 31 15.02 1.49 14.41
C CYS A 31 16.52 1.54 14.43
N THR A 32 17.06 2.75 14.22
CA THR A 32 18.48 2.99 14.32
C THR A 32 18.71 4.11 15.31
N CYS A 33 19.71 3.95 16.16
CA CYS A 33 19.98 4.96 17.17
C CYS A 33 20.82 6.12 16.60
N LEU A 34 20.26 7.32 16.57
CA LEU A 34 21.03 8.49 16.10
C LEU A 34 21.76 9.19 17.24
N GLY A 35 21.09 9.33 18.37
CA GLY A 35 21.74 9.92 19.55
C GLY A 35 21.38 11.39 19.61
N GLU A 36 22.29 12.24 19.14
CA GLU A 36 22.03 13.70 18.99
C GLU A 36 21.68 14.35 20.33
N GLY A 37 22.10 13.73 21.41
CA GLY A 37 21.90 14.33 22.74
C GLY A 37 20.54 14.07 23.34
N SER A 38 19.65 13.38 22.60
CA SER A 38 18.31 13.09 23.11
C SER A 38 17.94 11.62 22.94
N GLY A 39 18.93 10.75 22.78
CA GLY A 39 18.56 9.36 22.53
C GLY A 39 17.69 9.21 21.29
N ARG A 40 17.91 10.06 20.30
CA ARG A 40 17.00 10.13 19.17
C ARG A 40 17.13 8.92 18.29
N ILE A 41 15.99 8.35 17.90
CA ILE A 41 15.98 7.19 17.00
C ILE A 41 15.28 7.49 15.67
N THR A 42 15.68 6.79 14.61
CA THR A 42 14.88 6.80 13.38
C THR A 42 14.40 5.38 13.12
N CYS A 43 13.10 5.26 12.84
CA CYS A 43 12.49 3.95 12.62
C CYS A 43 11.78 3.87 11.27
N THR A 44 11.85 2.70 10.62
CA THR A 44 11.30 2.55 9.25
C THR A 44 10.60 1.22 9.06
N SER A 45 9.58 1.22 8.22
CA SER A 45 8.94 -0.03 7.83
C SER A 45 9.43 -0.53 6.47
N ARG A 46 10.52 0.05 5.94
CA ARG A 46 10.88 -0.19 4.53
C ARG A 46 11.29 -1.64 4.26
N ASN A 47 11.72 -2.36 5.29
CA ASN A 47 12.13 -3.77 5.11
C ASN A 47 11.10 -4.76 5.64
N ARG A 48 9.90 -4.26 5.93
CA ARG A 48 8.83 -5.08 6.51
C ARG A 48 7.50 -4.92 5.79
N CYS A 49 6.60 -5.88 6.01
CA CYS A 49 5.26 -5.82 5.40
C CYS A 49 4.21 -5.73 6.50
N ASN A 50 3.77 -4.51 6.76
CA ASN A 50 2.75 -4.28 7.77
C ASN A 50 1.41 -4.20 7.08
N ASP A 51 0.73 -5.34 6.96
CA ASP A 51 -0.51 -5.40 6.18
C ASP A 51 -1.70 -4.99 7.04
N GLN A 52 -2.21 -3.78 6.80
CA GLN A 52 -3.43 -3.31 7.54
C GLN A 52 -4.62 -4.31 7.46
N ASP A 53 -4.81 -4.98 6.32
CA ASP A 53 -5.93 -5.93 6.19
C ASP A 53 -5.94 -6.99 7.28
N THR A 54 -4.76 -7.51 7.61
CA THR A 54 -4.69 -8.59 8.56
C THR A 54 -4.17 -8.18 9.93
N ARG A 55 -3.81 -6.90 10.05
CA ARG A 55 -3.20 -6.33 11.26
C ARG A 55 -2.06 -7.22 11.77
N THR A 56 -1.21 -7.63 10.82
CA THR A 56 -0.06 -8.50 11.08
C THR A 56 1.17 -7.94 10.36
N SER A 57 2.33 -8.07 11.01
CA SER A 57 3.59 -7.67 10.42
C SER A 57 4.29 -8.90 9.90
N TYR A 58 4.81 -8.85 8.67
CA TYR A 58 5.52 -9.95 8.02
C TYR A 58 6.93 -9.53 7.69
N ARG A 59 7.83 -10.52 7.67
CA ARG A 59 9.21 -10.35 7.27
C ARG A 59 9.36 -10.74 5.83
N ILE A 60 10.45 -10.32 5.19
CA ILE A 60 10.71 -10.73 3.79
C ILE A 60 10.70 -12.26 3.69
N GLY A 61 9.93 -12.75 2.74
CA GLY A 61 9.82 -14.21 2.54
C GLY A 61 8.61 -14.87 3.23
N ASP A 62 8.03 -14.20 4.23
CA ASP A 62 6.78 -14.66 4.85
C ASP A 62 5.61 -14.60 3.90
N THR A 63 4.74 -15.60 4.00
CA THR A 63 3.50 -15.64 3.22
C THR A 63 2.26 -15.59 4.10
N TRP A 64 1.17 -15.07 3.53
CA TRP A 64 -0.15 -15.08 4.17
C TRP A 64 -1.23 -15.04 3.13
N SER A 65 -2.46 -15.29 3.56
CA SER A 65 -3.59 -15.21 2.67
CA SER A 65 -3.58 -15.18 2.64
C SER A 65 -4.56 -14.15 3.15
N LYS A 66 -5.34 -13.61 2.22
CA LYS A 66 -6.48 -12.76 2.55
C LYS A 66 -7.43 -12.77 1.37
N LYS A 67 -8.56 -12.07 1.48
CA LYS A 67 -9.53 -12.03 0.41
C LYS A 67 -9.41 -10.73 -0.35
N ASP A 68 -9.91 -10.74 -1.57
CA ASP A 68 -10.03 -9.49 -2.32
C ASP A 68 -11.40 -8.93 -1.95
N ASN A 69 -12.07 -8.22 -2.89
CA ASN A 69 -13.35 -7.59 -2.52
C ASN A 69 -14.52 -8.31 -3.15
N ARG A 70 -14.25 -9.53 -3.62
CA ARG A 70 -15.31 -10.35 -4.22
C ARG A 70 -15.22 -11.83 -3.84
N GLY A 71 -14.66 -12.13 -2.68
CA GLY A 71 -14.58 -13.51 -2.19
C GLY A 71 -13.46 -14.40 -2.70
N ASN A 72 -12.52 -13.85 -3.47
CA ASN A 72 -11.37 -14.63 -3.95
C ASN A 72 -10.19 -14.64 -2.99
N LEU A 73 -9.58 -15.81 -2.80
CA LEU A 73 -8.44 -15.97 -1.98
C LEU A 73 -7.20 -15.37 -2.69
N LEU A 74 -6.45 -14.55 -1.98
CA LEU A 74 -5.17 -13.98 -2.44
C LEU A 74 -4.04 -14.63 -1.70
N GLN A 75 -2.98 -15.01 -2.40
CA GLN A 75 -1.79 -15.51 -1.76
C GLN A 75 -0.74 -14.39 -1.78
N CYS A 76 -0.32 -13.93 -0.61
CA CYS A 76 0.62 -12.79 -0.51
C CYS A 76 1.99 -13.23 -0.01
N ILE A 77 3.03 -12.55 -0.49
CA ILE A 77 4.37 -12.78 0.04
C ILE A 77 5.11 -11.45 0.20
N CYS A 78 5.81 -11.33 1.30
CA CYS A 78 6.53 -10.12 1.63
C CYS A 78 7.85 -10.06 0.84
N THR A 79 8.03 -9.01 0.04
CA THR A 79 9.24 -8.91 -0.78
C THR A 79 10.18 -7.78 -0.33
N GLY A 80 9.62 -6.72 0.28
CA GLY A 80 10.44 -5.67 0.91
C GLY A 80 10.81 -4.62 -0.13
N ASN A 81 11.85 -4.95 -0.91
CA ASN A 81 12.35 -4.14 -2.04
C ASN A 81 12.67 -2.70 -1.64
N GLY A 82 13.02 -2.54 -0.37
CA GLY A 82 13.29 -1.22 0.21
C GLY A 82 12.11 -0.28 0.20
N ARG A 83 10.90 -0.81 0.02
N ARG A 83 10.92 -0.85 -0.04
CA ARG A 83 9.71 0.02 -0.12
CA ARG A 83 9.64 -0.13 -0.28
C ARG A 83 8.52 -0.53 0.66
C ARG A 83 8.53 -0.44 0.74
N GLY A 84 8.80 -1.34 1.69
CA GLY A 84 7.74 -1.97 2.51
C GLY A 84 6.70 -2.66 1.65
N GLU A 85 7.19 -3.40 0.65
CA GLU A 85 6.37 -3.92 -0.41
C GLU A 85 6.03 -5.42 -0.28
N TRP A 86 4.84 -5.77 -0.76
CA TRP A 86 4.49 -7.17 -0.92
C TRP A 86 3.67 -7.37 -2.16
N LYS A 87 3.53 -8.64 -2.54
CA LYS A 87 2.87 -9.02 -3.79
C LYS A 87 1.86 -10.12 -3.54
N CYS A 88 0.66 -10.00 -4.10
CA CYS A 88 -0.41 -11.00 -3.94
C CYS A 88 -0.87 -11.50 -5.29
N GLU A 89 -1.27 -12.76 -5.35
CA GLU A 89 -1.81 -13.32 -6.57
C GLU A 89 -3.17 -13.92 -6.26
N ARG A 90 -4.12 -13.62 -7.15
CA ARG A 90 -5.56 -13.71 -6.87
C ARG A 90 -6.20 -14.97 -7.40
N ALA B 1 -12.57 -1.51 -37.32
CA ALA B 1 -13.19 -0.96 -36.09
C ALA B 1 -13.71 -2.10 -35.19
N GLU B 2 -12.81 -3.04 -34.93
CA GLU B 2 -12.97 -4.08 -33.90
C GLU B 2 -13.26 -3.47 -32.53
N LYS B 3 -14.16 -4.09 -31.76
CA LYS B 3 -14.69 -3.48 -30.53
C LYS B 3 -14.52 -4.34 -29.29
N CYS B 4 -14.52 -3.65 -28.13
CA CYS B 4 -14.67 -4.28 -26.83
C CYS B 4 -16.02 -3.87 -26.27
N PHE B 5 -16.68 -4.76 -25.55
CA PHE B 5 -18.00 -4.44 -25.02
C PHE B 5 -18.03 -4.40 -23.50
N ASP B 6 -18.76 -3.45 -22.95
CA ASP B 6 -19.07 -3.54 -21.53
C ASP B 6 -20.56 -3.86 -21.42
N HIS B 7 -20.87 -5.13 -21.19
CA HIS B 7 -22.26 -5.57 -21.18
C HIS B 7 -23.00 -5.08 -19.93
N ALA B 8 -22.25 -4.66 -18.92
CA ALA B 8 -22.82 -4.16 -17.67
C ALA B 8 -23.20 -2.70 -17.81
N ALA B 9 -22.42 -1.94 -18.57
CA ALA B 9 -22.74 -0.54 -18.79
C ALA B 9 -23.46 -0.32 -20.13
N GLY B 10 -23.69 -1.40 -20.87
CA GLY B 10 -24.30 -1.32 -22.20
C GLY B 10 -23.56 -0.37 -23.14
N THR B 11 -22.23 -0.49 -23.15
CA THR B 11 -21.37 0.38 -23.95
C THR B 11 -20.38 -0.46 -24.76
N SER B 12 -19.72 0.17 -25.74
CA SER B 12 -18.68 -0.49 -26.50
C SER B 12 -17.59 0.52 -26.85
N TYR B 13 -16.41 0.01 -27.22
CA TYR B 13 -15.22 0.80 -27.44
C TYR B 13 -14.41 0.20 -28.55
N VAL B 14 -13.68 1.02 -29.30
CA VAL B 14 -12.81 0.48 -30.36
C VAL B 14 -11.41 0.23 -29.82
N VAL B 15 -10.64 -0.57 -30.53
CA VAL B 15 -9.28 -0.87 -30.11
C VAL B 15 -8.52 0.44 -29.91
N GLY B 16 -7.80 0.53 -28.79
CA GLY B 16 -7.02 1.72 -28.44
C GLY B 16 -7.73 2.73 -27.57
N GLU B 17 -9.04 2.58 -27.42
CA GLU B 17 -9.84 3.44 -26.56
C GLU B 17 -9.63 3.05 -25.10
N THR B 18 -9.62 4.05 -24.22
CA THR B 18 -9.57 3.83 -22.76
C THR B 18 -10.81 4.44 -22.13
N TRP B 19 -11.25 3.86 -21.01
CA TRP B 19 -12.41 4.34 -20.27
C TRP B 19 -12.24 3.87 -18.84
N GLU B 20 -13.01 4.43 -17.92
CA GLU B 20 -12.92 3.99 -16.55
C GLU B 20 -14.12 3.12 -16.21
N LYS B 21 -13.92 2.22 -15.26
CA LYS B 21 -15.06 1.43 -14.85
C LYS B 21 -14.88 0.92 -13.44
N PRO B 22 -15.98 0.59 -12.76
CA PRO B 22 -15.92 0.08 -11.42
C PRO B 22 -15.38 -1.34 -11.41
N TYR B 23 -14.76 -1.71 -10.29
CA TYR B 23 -14.25 -3.04 -10.14
C TYR B 23 -14.53 -3.48 -8.74
N GLN B 24 -15.08 -4.68 -8.60
CA GLN B 24 -15.42 -5.28 -7.30
C GLN B 24 -16.19 -4.27 -6.43
N GLY B 25 -17.08 -3.54 -7.10
CA GLY B 25 -18.07 -2.75 -6.41
C GLY B 25 -17.63 -1.32 -6.21
N TRP B 26 -16.60 -1.13 -5.41
CA TRP B 26 -16.20 0.23 -5.06
C TRP B 26 -14.89 0.70 -5.71
N MET B 27 -14.07 -0.22 -6.22
CA MET B 27 -12.80 0.22 -6.82
CA MET B 27 -12.81 0.21 -6.81
C MET B 27 -13.04 0.79 -8.19
N MET B 28 -12.04 1.51 -8.70
CA MET B 28 -12.09 2.00 -10.07
C MET B 28 -10.83 1.57 -10.79
N VAL B 29 -11.00 1.18 -12.05
CA VAL B 29 -9.86 0.86 -12.92
C VAL B 29 -9.99 1.61 -14.24
N ASP B 30 -8.84 1.80 -14.87
CA ASP B 30 -8.78 2.29 -16.24
C ASP B 30 -8.53 1.16 -17.23
N CYS B 31 -9.45 1.02 -18.17
CA CYS B 31 -9.43 -0.07 -19.13
C CYS B 31 -9.12 0.43 -20.52
N THR B 32 -8.35 -0.36 -21.24
CA THR B 32 -8.03 -0.14 -22.64
C THR B 32 -8.51 -1.33 -23.50
N CYS B 33 -9.11 -1.02 -24.63
CA CYS B 33 -9.56 -2.07 -25.55
C CYS B 33 -8.39 -2.64 -26.38
N LEU B 34 -8.11 -3.93 -26.21
CA LEU B 34 -7.05 -4.57 -26.98
C LEU B 34 -7.61 -5.26 -28.22
N GLY B 35 -8.79 -5.87 -28.08
CA GLY B 35 -9.46 -6.58 -29.17
C GLY B 35 -8.98 -8.02 -29.22
N GLU B 36 -8.00 -8.27 -30.07
CA GLU B 36 -7.35 -9.60 -30.22
C GLU B 36 -8.36 -10.72 -30.52
N GLY B 37 -9.43 -10.37 -31.24
CA GLY B 37 -10.44 -11.34 -31.67
C GLY B 37 -11.49 -11.69 -30.64
N SER B 38 -11.31 -11.23 -29.41
CA SER B 38 -12.20 -11.59 -28.32
C SER B 38 -12.72 -10.39 -27.52
N GLY B 39 -12.69 -9.20 -28.11
CA GLY B 39 -13.11 -7.98 -27.41
C GLY B 39 -12.33 -7.86 -26.10
N ARG B 40 -11.07 -8.29 -26.14
CA ARG B 40 -10.23 -8.35 -24.95
C ARG B 40 -9.89 -6.96 -24.41
N ILE B 41 -10.01 -6.78 -23.09
CA ILE B 41 -9.63 -5.52 -22.47
C ILE B 41 -8.51 -5.78 -21.45
N THR B 42 -7.73 -4.73 -21.19
CA THR B 42 -6.77 -4.73 -20.09
C THR B 42 -7.11 -3.55 -19.16
N CYS B 43 -7.21 -3.82 -17.86
CA CYS B 43 -7.65 -2.80 -16.91
C CYS B 43 -6.65 -2.70 -15.81
N THR B 44 -6.37 -1.48 -15.34
CA THR B 44 -5.31 -1.29 -14.33
C THR B 44 -5.70 -0.23 -13.30
N SER B 45 -5.21 -0.42 -12.07
CA SER B 45 -5.39 0.59 -11.01
C SER B 45 -4.16 1.48 -10.89
N ARG B 46 -3.24 1.40 -11.86
CA ARG B 46 -1.93 2.07 -11.67
C ARG B 46 -2.03 3.61 -11.53
N ASN B 47 -3.08 4.23 -12.09
CA ASN B 47 -3.25 5.68 -11.87
C ASN B 47 -4.54 6.00 -11.08
N ARG B 48 -4.87 5.09 -10.16
CA ARG B 48 -5.99 5.21 -9.26
C ARG B 48 -5.54 4.93 -7.85
N CYS B 49 -6.23 5.49 -6.87
CA CYS B 49 -5.96 5.14 -5.48
C CYS B 49 -7.15 4.43 -4.86
N ASN B 50 -7.09 3.11 -4.85
CA ASN B 50 -8.13 2.30 -4.28
C ASN B 50 -7.79 1.95 -2.84
N ASP B 51 -8.27 2.76 -1.89
CA ASP B 51 -7.85 2.63 -0.53
C ASP B 51 -8.78 1.66 0.22
N GLN B 52 -8.29 0.47 0.49
CA GLN B 52 -9.06 -0.54 1.22
C GLN B 52 -9.60 -0.02 2.54
N ASP B 53 -8.80 0.81 3.24
CA ASP B 53 -9.23 1.35 4.55
C ASP B 53 -10.58 2.04 4.47
N THR B 54 -10.80 2.82 3.41
CA THR B 54 -12.03 3.59 3.33
C THR B 54 -13.01 3.02 2.30
N ARG B 55 -12.63 1.90 1.65
CA ARG B 55 -13.37 1.33 0.52
C ARG B 55 -13.86 2.40 -0.46
N THR B 56 -12.95 3.29 -0.82
CA THR B 56 -13.22 4.41 -1.72
C THR B 56 -12.10 4.48 -2.74
N SER B 57 -12.49 4.69 -3.99
CA SER B 57 -11.55 4.95 -5.04
C SER B 57 -11.36 6.45 -5.18
N TYR B 58 -10.10 6.88 -5.21
CA TYR B 58 -9.75 8.28 -5.41
C TYR B 58 -9.04 8.45 -6.74
N ARG B 59 -9.24 9.62 -7.35
CA ARG B 59 -8.53 10.03 -8.54
C ARG B 59 -7.24 10.69 -8.17
N ILE B 60 -6.28 10.74 -9.10
CA ILE B 60 -5.06 11.52 -8.83
C ILE B 60 -5.42 12.96 -8.45
N GLY B 61 -4.89 13.44 -7.33
CA GLY B 61 -5.20 14.77 -6.77
C GLY B 61 -6.25 14.80 -5.67
N ASP B 62 -7.07 13.75 -5.61
CA ASP B 62 -8.12 13.68 -4.60
C ASP B 62 -7.46 13.57 -3.26
N THR B 63 -8.10 14.11 -2.22
CA THR B 63 -7.59 14.01 -0.86
C THR B 63 -8.63 13.37 0.05
N TRP B 64 -8.16 12.72 1.11
CA TRP B 64 -9.08 12.16 2.10
C TRP B 64 -8.36 12.00 3.40
N SER B 65 -9.09 11.74 4.48
CA SER B 65 -8.42 11.48 5.74
C SER B 65 -8.86 10.13 6.28
N LYS B 66 -8.04 9.60 7.17
CA LYS B 66 -8.35 8.37 7.86
C LYS B 66 -7.48 8.31 9.11
N LYS B 67 -7.66 7.31 9.95
CA LYS B 67 -6.88 7.22 11.14
C LYS B 67 -5.74 6.25 10.99
N ASP B 68 -4.69 6.39 11.82
CA ASP B 68 -3.66 5.33 11.86
C ASP B 68 -4.14 4.24 12.83
N ASN B 69 -3.22 3.60 13.55
CA ASN B 69 -3.63 2.56 14.48
C ASN B 69 -3.55 3.02 15.96
N ARG B 70 -3.42 4.32 16.18
CA ARG B 70 -3.31 4.82 17.55
C ARG B 70 -4.10 6.13 17.70
N GLY B 71 -5.12 6.33 16.86
CA GLY B 71 -6.01 7.48 17.05
C GLY B 71 -5.53 8.77 16.39
N ASN B 72 -4.43 8.71 15.65
CA ASN B 72 -3.97 9.93 14.91
C ASN B 72 -4.63 10.06 13.54
N LEU B 73 -4.92 11.29 13.13
CA LEU B 73 -5.50 11.52 11.80
C LEU B 73 -4.41 11.54 10.73
N LEU B 74 -4.65 10.84 9.63
CA LEU B 74 -3.78 10.88 8.48
C LEU B 74 -4.48 11.64 7.38
N GLN B 75 -3.77 12.58 6.78
CA GLN B 75 -4.26 13.29 5.63
C GLN B 75 -3.60 12.77 4.39
N CYS B 76 -4.38 12.22 3.47
CA CYS B 76 -3.82 11.54 2.29
C CYS B 76 -4.08 12.28 1.00
N ILE B 77 -3.20 12.07 0.02
CA ILE B 77 -3.46 12.59 -1.32
C ILE B 77 -3.04 11.54 -2.33
N CYS B 78 -3.89 11.34 -3.34
CA CYS B 78 -3.63 10.35 -4.36
C CYS B 78 -2.61 10.91 -5.34
N THR B 79 -1.52 10.17 -5.55
CA THR B 79 -0.47 10.60 -6.52
C THR B 79 -0.43 9.75 -7.80
N GLY B 80 -0.73 8.45 -7.70
CA GLY B 80 -0.83 7.57 -8.88
C GLY B 80 0.56 7.13 -9.25
N ASN B 81 1.21 7.95 -10.08
CA ASN B 81 2.60 7.73 -10.54
C ASN B 81 2.82 6.39 -11.24
N GLY B 82 1.76 5.85 -11.81
CA GLY B 82 1.85 4.55 -12.47
C GLY B 82 2.05 3.40 -11.50
N ARG B 83 1.87 3.66 -10.20
CA ARG B 83 2.15 2.66 -9.16
C ARG B 83 0.97 2.46 -8.22
N GLY B 84 -0.20 3.01 -8.56
CA GLY B 84 -1.38 2.96 -7.67
C GLY B 84 -1.06 3.54 -6.28
N GLU B 85 -0.31 4.63 -6.30
CA GLU B 85 0.32 5.21 -5.11
C GLU B 85 -0.43 6.37 -4.51
N TRP B 86 -0.36 6.44 -3.18
CA TRP B 86 -0.77 7.67 -2.48
C TRP B 86 0.14 7.95 -1.27
N LYS B 87 0.06 9.16 -0.74
CA LYS B 87 0.92 9.51 0.37
C LYS B 87 0.08 10.15 1.45
N CYS B 88 0.33 9.76 2.70
CA CYS B 88 -0.40 10.28 3.84
C CYS B 88 0.57 10.93 4.81
N GLU B 89 0.14 12.03 5.41
CA GLU B 89 0.90 12.74 6.43
C GLU B 89 0.23 12.55 7.79
N ARG B 90 1.00 12.22 8.82
CA ARG B 90 0.49 11.79 10.15
C ARG B 90 0.36 12.97 11.05
N HIS B 91 -0.81 13.15 11.65
CA HIS B 91 -1.01 14.30 12.55
C HIS B 91 -1.31 13.83 13.97
N THR B 92 -0.40 14.20 14.87
CA THR B 92 -0.40 13.69 16.24
C THR B 92 -0.53 14.83 17.24
N ASN C 1 11.85 16.57 19.64
CA ASN C 1 10.44 16.42 19.18
C ASN C 1 10.26 15.19 18.29
N GLU C 2 9.12 14.51 18.42
CA GLU C 2 8.74 13.44 17.47
C GLU C 2 8.58 14.02 16.06
N LYS C 3 9.00 13.26 15.05
CA LYS C 3 8.87 13.70 13.68
C LYS C 3 8.33 12.56 12.86
N ASN C 4 7.23 12.78 12.14
CA ASN C 4 6.68 11.72 11.29
C ASN C 4 6.93 11.97 9.81
N GLY C 5 7.56 11.02 9.16
CA GLY C 5 7.69 11.09 7.71
C GLY C 5 6.37 10.71 7.02
N PRO C 6 6.32 10.89 5.69
CA PRO C 6 5.15 10.60 4.89
C PRO C 6 4.92 9.09 4.87
N ILE C 7 3.66 8.66 4.94
CA ILE C 7 3.34 7.25 4.74
C ILE C 7 3.05 7.05 3.25
N ILE C 8 3.81 6.17 2.60
CA ILE C 8 3.52 5.88 1.20
C ILE C 8 2.81 4.55 1.12
N GLN C 9 1.67 4.53 0.43
CA GLN C 9 0.87 3.30 0.29
C GLN C 9 0.60 3.06 -1.18
N ASN C 10 0.48 1.80 -1.55
CA ASN C 10 0.18 1.43 -2.93
C ASN C 10 -0.80 0.31 -3.00
N ASN C 11 -1.55 0.30 -4.10
CA ASN C 11 -2.51 -0.79 -4.38
C ASN C 11 -2.65 -0.92 -5.87
N LYS C 12 -1.67 -1.60 -6.47
CA LYS C 12 -1.58 -1.64 -7.92
C LYS C 12 -1.88 -3.05 -8.44
N PHE C 13 -2.78 -3.11 -9.40
CA PHE C 13 -3.15 -4.40 -9.98
C PHE C 13 -3.65 -4.20 -11.40
N GLU C 14 -3.57 -5.26 -12.19
CA GLU C 14 -4.01 -5.22 -13.58
C GLU C 14 -4.64 -6.56 -13.91
N TYR C 15 -5.52 -6.57 -14.90
CA TYR C 15 -6.08 -7.82 -15.35
C TYR C 15 -6.53 -7.69 -16.79
N LYS C 16 -6.78 -8.84 -17.40
CA LYS C 16 -7.38 -8.88 -18.73
C LYS C 16 -8.67 -9.68 -18.69
N GLU C 17 -9.56 -9.37 -19.64
CA GLU C 17 -10.88 -9.94 -19.70
C GLU C 17 -11.36 -9.91 -21.13
N ASP C 18 -11.93 -11.02 -21.59
CA ASP C 18 -12.55 -11.01 -22.92
C ASP C 18 -14.01 -10.62 -22.81
N THR C 19 -14.50 -9.87 -23.79
CA THR C 19 -15.87 -9.36 -23.66
C THR C 19 -16.75 -9.90 -24.80
N ILE C 20 -16.18 -10.71 -25.68
CA ILE C 20 -17.01 -11.42 -26.67
C ILE C 20 -16.67 -12.92 -26.61
N LYS C 21 -17.72 -13.73 -26.47
CA LYS C 21 -17.57 -15.19 -26.32
C LYS C 21 -17.05 -15.88 -27.58
N LYS D 3 -5.60 -13.36 -17.57
CA LYS D 3 -6.39 -13.40 -16.31
C LYS D 3 -6.00 -12.24 -15.37
N ASN D 4 -5.60 -12.58 -14.14
CA ASN D 4 -5.19 -11.58 -13.16
C ASN D 4 -3.69 -11.37 -13.09
N GLY D 5 -3.26 -10.12 -13.18
CA GLY D 5 -1.87 -9.76 -12.88
C GLY D 5 -1.61 -9.77 -11.38
N PRO D 6 -0.33 -9.60 -11.01
CA PRO D 6 0.01 -9.52 -9.58
C PRO D 6 -0.60 -8.26 -8.93
N ILE D 7 -0.98 -8.35 -7.67
CA ILE D 7 -1.33 -7.18 -6.89
C ILE D 7 -0.09 -6.73 -6.15
N ILE D 8 0.34 -5.49 -6.36
CA ILE D 8 1.43 -4.93 -5.58
C ILE D 8 0.89 -3.99 -4.51
N GLN D 9 1.27 -4.24 -3.25
CA GLN D 9 0.88 -3.32 -2.16
C GLN D 9 2.12 -2.85 -1.38
N ASN D 10 2.03 -1.66 -0.78
CA ASN D 10 3.13 -1.12 0.03
C ASN D 10 2.61 -0.43 1.24
N ASN D 11 3.43 -0.39 2.27
CA ASN D 11 3.14 0.45 3.45
C ASN D 11 4.44 0.95 4.02
N LYS D 12 4.93 2.07 3.47
CA LYS D 12 6.28 2.51 3.77
C LYS D 12 6.25 3.81 4.54
N PHE D 13 6.91 3.82 5.70
CA PHE D 13 6.92 5.01 6.50
C PHE D 13 8.13 5.03 7.41
N GLU D 14 8.43 6.20 7.94
CA GLU D 14 9.58 6.40 8.81
C GLU D 14 9.17 7.46 9.83
N TYR D 15 9.80 7.45 10.98
CA TYR D 15 9.55 8.47 12.00
C TYR D 15 10.78 8.59 12.86
N LYS D 16 10.91 9.71 13.53
CA LYS D 16 11.91 9.87 14.59
C LYS D 16 11.29 10.18 15.94
N GLU D 17 11.98 9.77 16.99
CA GLU D 17 11.52 10.08 18.35
C GLU D 17 12.72 10.18 19.30
N ASP D 18 12.58 11.03 20.30
CA ASP D 18 13.60 11.14 21.32
C ASP D 18 13.30 10.15 22.43
N THR D 19 14.34 9.62 23.05
CA THR D 19 14.17 8.61 24.09
C THR D 19 14.83 8.99 25.44
N ILE D 20 15.36 10.21 25.51
CA ILE D 20 15.87 10.83 26.72
C ILE D 20 15.21 12.20 26.91
N LYS D 21 14.74 12.46 28.13
CA LYS D 21 14.05 13.71 28.45
C LYS D 21 15.00 14.74 29.06
#